data_7F1B
#
_entry.id   7F1B
#
_cell.length_a   40.883
_cell.length_b   94.428
_cell.length_c   100.846
_cell.angle_alpha   90.000
_cell.angle_beta   90.000
_cell.angle_gamma   90.000
#
_symmetry.space_group_name_H-M   'P 21 21 21'
#
loop_
_entity.id
_entity.type
_entity.pdbx_description
1 polymer 'Tubulin-like protein'
2 non-polymer "GUANOSINE-5'-DIPHOSPHATE"
3 non-polymer 'MAGNESIUM ION'
4 water water
#
_entity_poly.entity_id   1
_entity_poly.type   'polypeptide(L)'
_entity_poly.pdbx_seq_one_letter_code
;MPGREILVLHVGQGGNQIGYNFWKTICEEHNIDIRSNQRKSVEEDKVDYKSVFLVEAPDGFHPRALFIDLEPLAVEFLVK
EMKLGSFFSEDLMVLSYSGAHNVWSIGYQTGKKLIPVILEKIRDTMPETLQGFLIIHTLGGGTGSGFGSLLTETLKKEFP
GKGVLNFSVLPSEVNDVTLAPYNTVLSLNHLSRFSDLVVLFDNTALIRIVKDQLNYPVIKQFSDLNFLIGRVMASITASL
RFPGPLNMDLMEMAHNLVALPETKFIIPSVAPLTKEESEMSTELDLVERCFDPTHYMVNCSGQGKTISSVLMFRGNIAIE
NAFSIMTDIKSNVAFAPGVHPDLGLKYGICESAPVDFDKEVTLLSNNTIISEVFNRVLERFDSLFNRDWYTSDYVNAGTS
KSNLKEARDNFDRIIKIYKEIEGSQ
;
_entity_poly.pdbx_strand_id   A
#
loop_
_chem_comp.id
_chem_comp.type
_chem_comp.name
_chem_comp.formula
GDP RNA linking GUANOSINE-5'-DIPHOSPHATE 'C10 H15 N5 O11 P2'
MG non-polymer 'MAGNESIUM ION' 'Mg 2'
#
# COMPACT_ATOMS: atom_id res chain seq x y z
N MET A 1 -21.83 -14.32 0.05
CA MET A 1 -21.83 -14.07 -1.39
C MET A 1 -20.46 -14.36 -1.99
N PRO A 2 -20.38 -15.38 -2.85
CA PRO A 2 -19.09 -15.75 -3.43
C PRO A 2 -18.61 -14.71 -4.44
N GLY A 3 -17.29 -14.54 -4.47
CA GLY A 3 -16.68 -13.64 -5.44
C GLY A 3 -15.89 -12.50 -4.84
N ARG A 4 -14.93 -11.98 -5.60
CA ARG A 4 -14.16 -10.79 -5.22
C ARG A 4 -13.39 -11.00 -3.92
N GLU A 5 -12.87 -12.22 -3.72
CA GLU A 5 -12.04 -12.51 -2.57
C GLU A 5 -10.60 -12.06 -2.82
N ILE A 6 -9.97 -11.53 -1.79
CA ILE A 6 -8.60 -11.01 -1.87
C ILE A 6 -7.78 -11.63 -0.76
N LEU A 7 -6.58 -12.09 -1.09
CA LEU A 7 -5.62 -12.60 -0.12
C LEU A 7 -4.57 -11.53 0.15
N VAL A 8 -4.42 -11.14 1.40
CA VAL A 8 -3.48 -10.10 1.80
C VAL A 8 -2.22 -10.75 2.33
N LEU A 9 -1.06 -10.32 1.82
CA LEU A 9 0.23 -10.86 2.24
C LEU A 9 1.03 -9.77 2.92
N HIS A 10 1.33 -9.98 4.20
CA HIS A 10 2.19 -9.08 4.97
C HIS A 10 3.59 -9.69 4.99
N VAL A 11 4.59 -8.93 4.53
CA VAL A 11 5.95 -9.40 4.42
C VAL A 11 6.87 -8.44 5.17
N GLY A 12 7.68 -9.01 6.06
CA GLY A 12 8.63 -8.22 6.83
C GLY A 12 8.02 -7.66 8.10
N GLN A 13 8.90 -7.11 8.93
CA GLN A 13 8.47 -6.61 10.23
C GLN A 13 7.48 -5.46 10.09
N GLY A 14 7.84 -4.45 9.30
CA GLY A 14 6.95 -3.31 9.13
C GLY A 14 5.61 -3.70 8.52
N GLY A 15 5.64 -4.59 7.53
CA GLY A 15 4.40 -5.01 6.90
C GLY A 15 3.47 -5.75 7.82
N ASN A 16 4.02 -6.53 8.75
CA ASN A 16 3.18 -7.29 9.67
C ASN A 16 2.66 -6.41 10.81
N GLN A 17 3.49 -5.49 11.31
CA GLN A 17 3.05 -4.58 12.35
C GLN A 17 1.96 -3.64 11.84
N ILE A 18 2.02 -3.25 10.57
CA ILE A 18 0.95 -2.46 9.96
C ILE A 18 -0.35 -3.26 9.95
N GLY A 19 -0.25 -4.59 9.87
CA GLY A 19 -1.44 -5.43 9.82
C GLY A 19 -2.34 -5.32 11.03
N TYR A 20 -1.82 -4.80 12.16
CA TYR A 20 -2.67 -4.65 13.34
C TYR A 20 -3.77 -3.64 13.10
N ASN A 21 -3.41 -2.39 12.81
CA ASN A 21 -4.43 -1.37 12.61
C ASN A 21 -5.11 -1.51 11.24
N PHE A 22 -4.44 -2.13 10.27
CA PHE A 22 -5.09 -2.40 8.99
C PHE A 22 -6.28 -3.34 9.18
N TRP A 23 -6.08 -4.42 9.93
CA TRP A 23 -7.15 -5.38 10.12
C TRP A 23 -8.11 -4.96 11.23
N LYS A 24 -7.65 -4.18 12.20
CA LYS A 24 -8.59 -3.66 13.20
C LYS A 24 -9.55 -2.66 12.57
N THR A 25 -9.07 -1.81 11.67
CA THR A 25 -9.94 -0.87 11.00
C THR A 25 -10.95 -1.59 10.10
N ILE A 26 -10.49 -2.61 9.35
CA ILE A 26 -11.40 -3.35 8.49
C ILE A 26 -12.44 -4.11 9.31
N CYS A 27 -12.01 -4.69 10.44
CA CYS A 27 -12.96 -5.37 11.32
C CYS A 27 -14.00 -4.40 11.87
N GLU A 28 -13.55 -3.25 12.37
CA GLU A 28 -14.47 -2.29 12.96
C GLU A 28 -15.42 -1.69 11.94
N GLU A 29 -14.97 -1.49 10.70
CA GLU A 29 -15.84 -0.95 9.68
C GLU A 29 -16.86 -1.97 9.17
N HIS A 30 -16.64 -3.25 9.42
CA HIS A 30 -17.56 -4.30 9.01
C HIS A 30 -18.28 -4.94 10.19
N ASN A 31 -18.40 -4.21 11.30
CA ASN A 31 -19.14 -4.67 12.49
C ASN A 31 -18.57 -5.98 13.01
N ILE A 32 -17.25 -6.03 13.17
CA ILE A 32 -16.54 -7.22 13.60
C ILE A 32 -15.54 -6.84 14.68
N ASP A 33 -15.56 -7.58 15.79
CA ASP A 33 -14.62 -7.37 16.88
C ASP A 33 -13.40 -8.25 16.65
N ILE A 34 -12.22 -7.63 16.53
CA ILE A 34 -11.01 -8.36 16.19
C ILE A 34 -10.51 -9.22 17.35
N ARG A 35 -10.92 -8.92 18.59
CA ARG A 35 -10.45 -9.66 19.73
C ARG A 35 -11.24 -10.95 19.97
N SER A 36 -12.46 -11.05 19.45
CA SER A 36 -13.31 -12.21 19.68
C SER A 36 -13.74 -12.90 18.39
N ASN A 37 -13.37 -12.38 17.22
CA ASN A 37 -13.72 -12.92 15.91
C ASN A 37 -15.22 -12.91 15.64
N GLN A 38 -16.00 -12.19 16.43
CA GLN A 38 -17.46 -12.16 16.31
C GLN A 38 -17.93 -10.76 15.95
N ARG A 39 -19.20 -10.68 15.57
CA ARG A 39 -19.82 -9.38 15.30
C ARG A 39 -19.87 -8.53 16.56
N LYS A 40 -19.74 -7.22 16.38
CA LYS A 40 -19.81 -6.32 17.52
C LYS A 40 -21.23 -6.23 18.06
N SER A 41 -22.19 -5.91 17.19
CA SER A 41 -23.57 -5.69 17.62
C SER A 41 -24.52 -6.35 16.63
N VAL A 42 -25.81 -6.33 17.00
CA VAL A 42 -26.84 -6.89 16.11
C VAL A 42 -27.06 -5.98 14.92
N GLU A 43 -26.77 -4.69 15.06
CA GLU A 43 -26.96 -3.72 13.98
C GLU A 43 -26.08 -4.07 12.79
N GLU A 44 -26.70 -4.54 11.70
CA GLU A 44 -25.99 -4.99 10.51
C GLU A 44 -26.69 -4.41 9.29
N ASP A 45 -25.93 -3.75 8.43
CA ASP A 45 -26.47 -3.28 7.16
C ASP A 45 -26.80 -4.48 6.27
N LYS A 46 -27.86 -4.32 5.48
CA LYS A 46 -28.39 -5.44 4.70
C LYS A 46 -27.42 -5.91 3.62
N VAL A 47 -26.64 -4.99 3.06
CA VAL A 47 -25.62 -5.33 2.07
C VAL A 47 -24.25 -5.00 2.66
N ASP A 48 -23.37 -5.99 2.65
CA ASP A 48 -22.03 -5.80 3.18
C ASP A 48 -21.10 -6.80 2.50
N TYR A 49 -20.02 -6.31 1.92
CA TYR A 49 -19.04 -7.15 1.23
C TYR A 49 -17.90 -7.54 2.16
N LYS A 50 -18.23 -8.13 3.31
CA LYS A 50 -17.21 -8.52 4.27
C LYS A 50 -16.28 -9.58 3.70
N SER A 51 -16.80 -10.46 2.84
CA SER A 51 -16.04 -11.59 2.34
C SER A 51 -14.89 -11.18 1.43
N VAL A 52 -14.81 -9.90 1.03
CA VAL A 52 -13.71 -9.47 0.17
C VAL A 52 -12.37 -9.63 0.89
N PHE A 53 -12.34 -9.32 2.19
CA PHE A 53 -11.12 -9.45 2.99
C PHE A 53 -11.24 -10.42 4.16
N LEU A 54 -12.44 -10.78 4.57
CA LEU A 54 -12.66 -11.57 5.78
C LEU A 54 -13.26 -12.92 5.43
N VAL A 55 -12.69 -13.98 5.99
CA VAL A 55 -13.20 -15.33 5.82
C VAL A 55 -14.20 -15.60 6.94
N GLU A 56 -15.37 -16.11 6.56
CA GLU A 56 -16.42 -16.46 7.53
C GLU A 56 -16.37 -17.96 7.79
N ALA A 57 -15.87 -18.32 8.96
CA ALA A 57 -15.84 -19.69 9.44
C ALA A 57 -16.94 -19.90 10.48
N PRO A 58 -17.34 -21.15 10.74
CA PRO A 58 -18.38 -21.38 11.75
C PRO A 58 -18.08 -20.76 13.10
N ASP A 59 -16.81 -20.74 13.52
CA ASP A 59 -16.46 -20.17 14.81
C ASP A 59 -16.45 -18.64 14.80
N GLY A 60 -16.25 -18.02 13.64
CA GLY A 60 -16.23 -16.57 13.57
C GLY A 60 -15.55 -16.11 12.29
N PHE A 61 -15.06 -14.87 12.34
CA PHE A 61 -14.44 -14.23 11.20
C PHE A 61 -12.92 -14.20 11.35
N HIS A 62 -12.23 -14.48 10.26
CA HIS A 62 -10.77 -14.53 10.22
C HIS A 62 -10.28 -13.79 8.98
N PRO A 63 -9.08 -13.21 9.04
CA PRO A 63 -8.57 -12.46 7.88
C PRO A 63 -8.07 -13.42 6.80
N ARG A 64 -8.46 -13.15 5.55
CA ARG A 64 -7.89 -13.87 4.42
C ARG A 64 -6.50 -13.29 4.18
N ALA A 65 -5.55 -13.77 4.99
CA ALA A 65 -4.23 -13.16 5.02
C ALA A 65 -3.19 -14.20 5.38
N LEU A 66 -1.97 -13.97 4.87
CA LEU A 66 -0.77 -14.71 5.28
C LEU A 66 0.21 -13.72 5.88
N PHE A 67 0.85 -14.14 6.97
CA PHE A 67 1.79 -13.28 7.70
C PHE A 67 3.18 -13.91 7.59
N ILE A 68 4.01 -13.32 6.74
CA ILE A 68 5.25 -13.92 6.28
C ILE A 68 6.41 -13.06 6.78
N ASP A 69 7.39 -13.71 7.43
CA ASP A 69 8.52 -12.98 7.98
C ASP A 69 9.69 -13.94 8.16
N LEU A 70 10.90 -13.37 8.14
CA LEU A 70 12.11 -14.13 8.39
C LEU A 70 12.58 -14.03 9.82
N GLU A 71 11.80 -13.37 10.68
CA GLU A 71 12.06 -13.26 12.11
C GLU A 71 10.73 -13.19 12.83
N PRO A 72 10.65 -13.68 14.06
CA PRO A 72 9.38 -13.71 14.79
C PRO A 72 9.05 -12.44 15.57
N LEU A 73 9.77 -11.34 15.33
CA LEU A 73 9.60 -10.13 16.14
C LEU A 73 8.24 -9.50 15.89
N ALA A 74 7.91 -9.24 14.62
CA ALA A 74 6.64 -8.59 14.31
C ALA A 74 5.45 -9.48 14.66
N VAL A 75 5.59 -10.79 14.45
CA VAL A 75 4.52 -11.71 14.79
C VAL A 75 4.28 -11.73 16.31
N GLU A 76 5.36 -11.68 17.09
CA GLU A 76 5.22 -11.62 18.54
C GLU A 76 4.51 -10.35 18.97
N PHE A 77 4.71 -9.25 18.24
CA PHE A 77 3.98 -8.02 18.55
C PHE A 77 2.48 -8.21 18.35
N LEU A 78 2.08 -8.94 17.31
CA LEU A 78 0.67 -9.14 17.03
C LEU A 78 0.02 -10.08 18.04
N VAL A 79 0.70 -11.17 18.38
CA VAL A 79 0.12 -12.22 19.22
C VAL A 79 0.33 -11.94 20.69
N LYS A 80 1.55 -11.58 21.10
CA LYS A 80 1.86 -11.42 22.51
C LYS A 80 1.52 -10.03 23.04
N GLU A 81 2.01 -8.97 22.38
CA GLU A 81 1.82 -7.63 22.90
C GLU A 81 0.39 -7.15 22.70
N MET A 82 -0.19 -7.41 21.53
CA MET A 82 -1.55 -6.97 21.24
C MET A 82 -2.60 -8.01 21.61
N LYS A 83 -2.19 -9.24 21.95
CA LYS A 83 -3.09 -10.29 22.42
C LYS A 83 -4.23 -10.54 21.44
N LEU A 84 -3.88 -10.74 20.16
CA LEU A 84 -4.83 -11.03 19.11
C LEU A 84 -4.48 -12.34 18.41
N GLY A 85 -3.99 -13.31 19.19
CA GLY A 85 -3.59 -14.58 18.60
C GLY A 85 -4.73 -15.36 17.99
N SER A 86 -5.96 -15.13 18.45
CA SER A 86 -7.11 -15.79 17.87
C SER A 86 -7.47 -15.21 16.51
N PHE A 87 -6.98 -14.02 16.18
CA PHE A 87 -7.16 -13.41 14.86
C PHE A 87 -5.94 -13.60 13.98
N PHE A 88 -4.75 -13.25 14.48
CA PHE A 88 -3.50 -13.57 13.79
C PHE A 88 -3.03 -14.93 14.29
N SER A 89 -3.63 -15.98 13.73
CA SER A 89 -3.41 -17.34 14.19
C SER A 89 -2.20 -17.96 13.48
N GLU A 90 -1.78 -19.12 14.00
CA GLU A 90 -0.54 -19.75 13.54
C GLU A 90 -0.67 -20.40 12.17
N ASP A 91 -1.88 -20.80 11.77
CA ASP A 91 -2.05 -21.41 10.46
C ASP A 91 -1.87 -20.42 9.32
N LEU A 92 -1.87 -19.12 9.61
CA LEU A 92 -1.69 -18.09 8.60
C LEU A 92 -0.27 -17.53 8.57
N MET A 93 0.66 -18.16 9.27
CA MET A 93 2.01 -17.63 9.44
C MET A 93 3.03 -18.50 8.72
N VAL A 94 3.96 -17.85 8.03
CA VAL A 94 5.10 -18.49 7.39
C VAL A 94 6.34 -17.80 7.92
N LEU A 95 7.07 -18.48 8.80
CA LEU A 95 8.15 -17.85 9.55
C LEU A 95 9.44 -18.63 9.41
N SER A 96 10.55 -17.90 9.38
CA SER A 96 11.89 -18.43 9.60
C SER A 96 12.54 -17.60 10.71
N TYR A 97 13.77 -17.96 11.07
CA TYR A 97 14.44 -17.33 12.20
C TYR A 97 15.88 -16.93 11.88
N SER A 98 16.20 -16.75 10.60
CA SER A 98 17.55 -16.36 10.19
C SER A 98 17.70 -14.86 9.96
N GLY A 99 16.67 -14.19 9.49
CA GLY A 99 16.72 -12.76 9.30
C GLY A 99 17.35 -12.36 7.96
N ALA A 100 16.98 -11.16 7.50
CA ALA A 100 17.49 -10.61 6.26
C ALA A 100 18.58 -9.56 6.47
N HIS A 101 18.79 -9.11 7.71
CA HIS A 101 19.85 -8.17 8.05
C HIS A 101 19.75 -6.87 7.25
N ASN A 102 18.52 -6.45 6.93
CA ASN A 102 18.27 -5.21 6.19
C ASN A 102 18.93 -5.22 4.82
N VAL A 103 19.05 -6.40 4.21
CA VAL A 103 19.67 -6.55 2.89
C VAL A 103 18.63 -7.16 1.94
N TRP A 104 18.31 -6.44 0.87
CA TRP A 104 17.33 -6.91 -0.10
C TRP A 104 17.67 -8.28 -0.64
N SER A 105 18.96 -8.53 -0.90
CA SER A 105 19.36 -9.80 -1.50
C SER A 105 19.13 -10.97 -0.56
N ILE A 106 19.37 -10.76 0.74
CA ILE A 106 19.21 -11.85 1.70
C ILE A 106 17.75 -12.26 1.82
N GLY A 107 16.85 -11.27 1.88
CA GLY A 107 15.44 -11.59 1.95
C GLY A 107 14.92 -12.28 0.69
N TYR A 108 15.47 -11.92 -0.47
CA TYR A 108 15.05 -12.55 -1.71
C TYR A 108 15.47 -14.01 -1.76
N GLN A 109 16.75 -14.28 -1.46
CA GLN A 109 17.26 -15.65 -1.53
C GLN A 109 16.66 -16.52 -0.43
N THR A 110 16.66 -16.03 0.81
CA THR A 110 16.17 -16.83 1.92
C THR A 110 14.67 -17.07 1.81
N GLY A 111 13.93 -16.09 1.30
CA GLY A 111 12.50 -16.26 1.11
C GLY A 111 12.13 -17.33 0.09
N LYS A 112 13.06 -17.67 -0.79
CA LYS A 112 12.79 -18.71 -1.79
C LYS A 112 12.54 -20.06 -1.14
N LYS A 113 13.17 -20.32 0.00
CA LYS A 113 12.95 -21.58 0.71
C LYS A 113 11.59 -21.66 1.38
N LEU A 114 10.87 -20.55 1.48
CA LEU A 114 9.51 -20.54 2.01
C LEU A 114 8.45 -20.49 0.92
N ILE A 115 8.85 -20.28 -0.34
CA ILE A 115 7.88 -20.20 -1.44
C ILE A 115 7.04 -21.46 -1.56
N PRO A 116 7.60 -22.69 -1.52
CA PRO A 116 6.74 -23.87 -1.69
C PRO A 116 5.62 -23.97 -0.66
N VAL A 117 5.89 -23.62 0.60
CA VAL A 117 4.85 -23.70 1.62
C VAL A 117 3.78 -22.64 1.37
N ILE A 118 4.18 -21.44 0.95
CA ILE A 118 3.23 -20.37 0.70
C ILE A 118 2.30 -20.74 -0.45
N LEU A 119 2.85 -21.29 -1.53
CA LEU A 119 2.04 -21.63 -2.69
C LEU A 119 1.06 -22.77 -2.38
N GLU A 120 1.46 -23.72 -1.53
CA GLU A 120 0.55 -24.80 -1.19
C GLU A 120 -0.58 -24.31 -0.28
N LYS A 121 -0.27 -23.39 0.64
CA LYS A 121 -1.31 -22.82 1.49
C LYS A 121 -2.34 -22.06 0.66
N ILE A 122 -1.89 -21.41 -0.41
CA ILE A 122 -2.81 -20.65 -1.26
C ILE A 122 -3.75 -21.61 -1.99
N ARG A 123 -3.20 -22.65 -2.62
CA ARG A 123 -4.04 -23.56 -3.38
C ARG A 123 -4.90 -24.45 -2.48
N ASP A 124 -4.51 -24.65 -1.23
CA ASP A 124 -5.30 -25.49 -0.34
C ASP A 124 -6.45 -24.73 0.31
N THR A 125 -6.28 -23.42 0.56
CA THR A 125 -7.23 -22.66 1.34
C THR A 125 -7.92 -21.53 0.58
N MET A 126 -7.40 -21.11 -0.59
CA MET A 126 -8.10 -19.98 -1.18
C MET A 126 -9.23 -20.45 -2.07
N PRO A 127 -10.31 -19.67 -2.17
CA PRO A 127 -11.41 -20.04 -3.06
C PRO A 127 -11.02 -19.84 -4.52
N GLU A 128 -11.76 -20.52 -5.40
CA GLU A 128 -11.48 -20.43 -6.83
C GLU A 128 -11.85 -19.07 -7.41
N THR A 129 -12.75 -18.33 -6.76
CA THR A 129 -13.14 -17.00 -7.20
C THR A 129 -12.22 -15.90 -6.66
N LEU A 130 -11.06 -16.27 -6.10
CA LEU A 130 -10.11 -15.30 -5.59
C LEU A 130 -9.65 -14.39 -6.72
N GLN A 131 -9.88 -13.08 -6.57
CA GLN A 131 -9.59 -12.14 -7.65
C GLN A 131 -8.15 -11.66 -7.68
N GLY A 132 -7.43 -11.73 -6.57
CA GLY A 132 -6.04 -11.32 -6.57
C GLY A 132 -5.46 -11.21 -5.18
N PHE A 133 -4.30 -10.56 -5.11
CA PHE A 133 -3.51 -10.50 -3.89
C PHE A 133 -3.13 -9.05 -3.59
N LEU A 134 -3.04 -8.75 -2.29
CA LEU A 134 -2.58 -7.46 -1.78
C LEU A 134 -1.34 -7.68 -0.93
N ILE A 135 -0.23 -7.09 -1.33
CA ILE A 135 1.05 -7.26 -0.65
C ILE A 135 1.37 -5.99 0.12
N ILE A 136 1.52 -6.12 1.43
CA ILE A 136 1.84 -5.01 2.31
C ILE A 136 3.26 -5.23 2.85
N HIS A 137 4.15 -4.27 2.59
CA HIS A 137 5.54 -4.42 2.94
C HIS A 137 6.24 -3.08 2.85
N THR A 138 7.37 -2.97 3.53
CA THR A 138 8.25 -1.82 3.39
C THR A 138 9.34 -2.12 2.35
N LEU A 139 9.98 -1.06 1.88
CA LEU A 139 11.01 -1.18 0.85
C LEU A 139 12.42 -0.89 1.35
N GLY A 140 12.57 -0.38 2.57
CA GLY A 140 13.88 0.03 3.06
C GLY A 140 14.70 -1.07 3.70
N GLY A 141 14.04 -2.10 4.21
CA GLY A 141 14.70 -3.19 4.91
C GLY A 141 15.15 -4.30 3.98
N GLY A 142 15.21 -5.50 4.53
CA GLY A 142 15.67 -6.66 3.78
C GLY A 142 14.58 -7.67 3.47
N THR A 143 13.74 -7.98 4.46
CA THR A 143 12.69 -8.96 4.24
C THR A 143 11.57 -8.40 3.38
N GLY A 144 10.91 -7.34 3.85
CA GLY A 144 9.83 -6.75 3.07
C GLY A 144 10.27 -6.30 1.69
N SER A 145 11.52 -5.86 1.56
CA SER A 145 12.03 -5.46 0.26
C SER A 145 12.30 -6.67 -0.62
N GLY A 146 13.19 -7.56 -0.17
CA GLY A 146 13.59 -8.71 -0.96
C GLY A 146 12.54 -9.80 -1.06
N PHE A 147 12.05 -10.29 0.08
CA PHE A 147 11.00 -11.30 0.06
C PHE A 147 9.73 -10.74 -0.55
N GLY A 148 9.41 -9.48 -0.25
CA GLY A 148 8.25 -8.85 -0.88
C GLY A 148 8.37 -8.80 -2.39
N SER A 149 9.56 -8.43 -2.88
CA SER A 149 9.79 -8.43 -4.33
C SER A 149 9.67 -9.84 -4.89
N LEU A 150 10.21 -10.83 -4.18
CA LEU A 150 10.09 -12.21 -4.63
C LEU A 150 8.64 -12.66 -4.70
N LEU A 151 7.83 -12.28 -3.70
CA LEU A 151 6.43 -12.70 -3.68
C LEU A 151 5.63 -12.02 -4.79
N THR A 152 5.93 -10.75 -5.06
CA THR A 152 5.27 -10.07 -6.18
C THR A 152 5.57 -10.78 -7.50
N GLU A 153 6.83 -11.16 -7.70
CA GLU A 153 7.22 -11.87 -8.92
C GLU A 153 6.57 -13.25 -8.98
N THR A 154 6.55 -13.97 -7.86
CA THR A 154 6.03 -15.34 -7.87
C THR A 154 4.53 -15.37 -8.12
N LEU A 155 3.78 -14.46 -7.48
CA LEU A 155 2.33 -14.50 -7.59
C LEU A 155 1.85 -14.09 -8.98
N LYS A 156 2.58 -13.20 -9.66
CA LYS A 156 2.19 -12.83 -11.01
C LYS A 156 2.43 -13.96 -11.99
N LYS A 157 3.53 -14.71 -11.80
CA LYS A 157 3.83 -15.83 -12.70
C LYS A 157 2.89 -17.00 -12.44
N GLU A 158 2.65 -17.34 -11.17
CA GLU A 158 1.84 -18.51 -10.85
C GLU A 158 0.36 -18.27 -11.13
N PHE A 159 -0.11 -17.03 -10.98
CA PHE A 159 -1.52 -16.68 -11.17
C PHE A 159 -1.61 -15.52 -12.14
N PRO A 160 -1.51 -15.80 -13.45
CA PRO A 160 -1.57 -14.71 -14.43
C PRO A 160 -2.93 -14.04 -14.50
N GLY A 161 -4.01 -14.77 -14.28
CA GLY A 161 -5.35 -14.23 -14.34
C GLY A 161 -5.83 -13.50 -13.11
N LYS A 162 -4.94 -13.24 -12.16
CA LYS A 162 -5.30 -12.56 -10.92
C LYS A 162 -4.44 -11.32 -10.74
N GLY A 163 -5.02 -10.31 -10.08
CA GLY A 163 -4.30 -9.06 -9.89
C GLY A 163 -3.36 -9.10 -8.71
N VAL A 164 -2.27 -8.35 -8.83
CA VAL A 164 -1.28 -8.22 -7.76
C VAL A 164 -1.18 -6.75 -7.40
N LEU A 165 -1.57 -6.41 -6.18
CA LEU A 165 -1.57 -5.04 -5.69
C LEU A 165 -0.54 -4.90 -4.57
N ASN A 166 0.22 -3.81 -4.60
CA ASN A 166 1.28 -3.57 -3.63
C ASN A 166 0.99 -2.30 -2.85
N PHE A 167 1.03 -2.40 -1.53
CA PHE A 167 1.04 -1.25 -0.63
C PHE A 167 2.44 -1.20 -0.03
N SER A 168 3.29 -0.33 -0.57
CA SER A 168 4.71 -0.34 -0.29
C SER A 168 5.12 0.93 0.44
N VAL A 169 5.88 0.77 1.52
CA VAL A 169 6.28 1.87 2.38
C VAL A 169 7.71 2.28 2.04
N LEU A 170 7.91 3.56 1.72
CA LEU A 170 9.21 4.10 1.40
C LEU A 170 9.95 4.52 2.66
N PRO A 171 11.28 4.42 2.67
CA PRO A 171 12.05 4.81 3.86
C PRO A 171 11.98 6.31 4.10
N SER A 172 12.44 6.70 5.29
CA SER A 172 12.60 8.12 5.59
C SER A 172 13.78 8.68 4.80
N GLU A 173 13.56 9.85 4.20
CA GLU A 173 14.62 10.44 3.37
C GLU A 173 15.79 10.91 4.23
N VAL A 174 15.51 11.50 5.39
CA VAL A 174 16.55 12.14 6.18
C VAL A 174 16.99 11.32 7.39
N ASN A 175 16.15 10.39 7.87
CA ASN A 175 16.46 9.60 9.07
C ASN A 175 16.14 8.14 8.80
N ASP A 176 17.05 7.45 8.12
CA ASP A 176 16.89 6.02 7.89
C ASP A 176 18.26 5.38 7.72
N VAL A 177 18.27 4.05 7.65
CA VAL A 177 19.50 3.27 7.63
C VAL A 177 20.28 3.50 6.35
N THR A 178 21.55 3.09 6.35
CA THR A 178 22.43 3.35 5.21
C THR A 178 21.99 2.59 3.96
N LEU A 179 21.58 1.33 4.13
CA LEU A 179 21.27 0.48 2.99
C LEU A 179 19.89 0.73 2.39
N ALA A 180 19.14 1.69 2.93
CA ALA A 180 17.80 1.95 2.43
C ALA A 180 17.75 2.31 0.94
N PRO A 181 18.63 3.17 0.40
CA PRO A 181 18.54 3.46 -1.04
C PRO A 181 18.71 2.23 -1.92
N TYR A 182 19.64 1.33 -1.58
CA TYR A 182 19.84 0.13 -2.38
C TYR A 182 18.60 -0.74 -2.38
N ASN A 183 18.03 -1.01 -1.19
CA ASN A 183 16.85 -1.87 -1.10
C ASN A 183 15.66 -1.24 -1.81
N THR A 184 15.51 0.08 -1.72
CA THR A 184 14.38 0.74 -2.37
C THR A 184 14.44 0.59 -3.88
N VAL A 185 15.60 0.87 -4.47
CA VAL A 185 15.75 0.79 -5.92
C VAL A 185 15.57 -0.66 -6.38
N LEU A 186 16.15 -1.61 -5.65
CA LEU A 186 15.98 -3.02 -6.00
C LEU A 186 14.51 -3.42 -5.95
N SER A 187 13.79 -2.99 -4.92
CA SER A 187 12.38 -3.33 -4.79
C SER A 187 11.54 -2.66 -5.87
N LEU A 188 11.72 -1.33 -6.03
CA LEU A 188 10.93 -0.61 -7.02
C LEU A 188 11.17 -1.14 -8.43
N ASN A 189 12.39 -1.57 -8.72
CA ASN A 189 12.67 -2.19 -10.01
C ASN A 189 11.89 -3.49 -10.18
N HIS A 190 11.84 -4.32 -9.13
CA HIS A 190 11.10 -5.57 -9.22
C HIS A 190 9.61 -5.33 -9.31
N LEU A 191 9.10 -4.33 -8.59
CA LEU A 191 7.66 -4.07 -8.61
C LEU A 191 7.19 -3.52 -9.95
N SER A 192 8.03 -2.73 -10.63
CA SER A 192 7.64 -2.19 -11.92
C SER A 192 7.43 -3.28 -12.95
N ARG A 193 8.11 -4.41 -12.80
CA ARG A 193 8.03 -5.51 -13.76
C ARG A 193 6.86 -6.45 -13.49
N PHE A 194 6.56 -6.73 -12.23
CA PHE A 194 5.64 -7.79 -11.88
C PHE A 194 4.37 -7.33 -11.16
N SER A 195 4.32 -6.12 -10.64
CA SER A 195 3.13 -5.64 -9.96
C SER A 195 2.19 -4.97 -10.96
N ASP A 196 0.88 -5.09 -10.68
CA ASP A 196 -0.13 -4.41 -11.47
C ASP A 196 -0.39 -2.99 -10.98
N LEU A 197 -0.13 -2.71 -9.71
CA LEU A 197 -0.38 -1.38 -9.14
C LEU A 197 0.40 -1.27 -7.83
N VAL A 198 1.16 -0.19 -7.70
CA VAL A 198 1.97 0.06 -6.51
C VAL A 198 1.52 1.38 -5.90
N VAL A 199 0.93 1.30 -4.70
CA VAL A 199 0.56 2.47 -3.92
C VAL A 199 1.66 2.72 -2.90
N LEU A 200 2.28 3.89 -2.97
CA LEU A 200 3.46 4.20 -2.17
C LEU A 200 3.09 4.96 -0.91
N PHE A 201 3.78 4.65 0.18
CA PHE A 201 3.63 5.37 1.45
C PHE A 201 5.03 5.74 1.93
N ASP A 202 5.21 6.99 2.33
CA ASP A 202 6.53 7.50 2.69
C ASP A 202 6.53 7.94 4.15
N ASN A 203 7.39 7.32 4.95
CA ASN A 203 7.50 7.69 6.36
C ASN A 203 7.87 9.16 6.53
N THR A 204 8.55 9.74 5.54
CA THR A 204 8.88 11.16 5.60
C THR A 204 7.62 12.02 5.60
N ALA A 205 6.63 11.64 4.80
CA ALA A 205 5.41 12.44 4.69
C ALA A 205 4.50 12.25 5.90
N LEU A 206 4.34 11.00 6.37
CA LEU A 206 3.44 10.75 7.48
C LEU A 206 3.89 11.46 8.75
N ILE A 207 5.20 11.57 8.96
CA ILE A 207 5.72 12.34 10.09
C ILE A 207 5.34 13.81 9.93
N ARG A 208 5.45 14.33 8.70
CA ARG A 208 5.17 15.74 8.46
C ARG A 208 3.70 16.07 8.71
N ILE A 209 2.79 15.22 8.25
CA ILE A 209 1.37 15.51 8.38
C ILE A 209 0.94 15.50 9.84
N VAL A 210 1.52 14.59 10.64
CA VAL A 210 1.10 14.47 12.03
C VAL A 210 1.58 15.66 12.86
N LYS A 211 2.84 16.08 12.67
CA LYS A 211 3.37 17.19 13.45
C LYS A 211 2.65 18.48 13.14
N ASP A 212 2.49 18.80 11.85
CA ASP A 212 1.88 20.06 11.44
C ASP A 212 0.43 20.16 11.84
N GLN A 213 -0.27 19.04 12.01
CA GLN A 213 -1.64 19.10 12.51
C GLN A 213 -1.68 19.29 14.01
N LEU A 214 -0.90 18.51 14.75
CA LEU A 214 -0.87 18.62 16.21
C LEU A 214 -0.37 19.98 16.65
N GLN A 221 7.35 6.78 19.43
CA GLN A 221 6.00 6.31 19.14
C GLN A 221 5.93 5.73 17.73
N PHE A 222 6.80 4.75 17.48
CA PHE A 222 6.87 4.12 16.16
C PHE A 222 5.59 3.34 15.85
N SER A 223 5.01 2.70 16.87
CA SER A 223 3.76 1.98 16.68
C SER A 223 2.59 2.90 16.37
N ASP A 224 2.80 4.22 16.40
CA ASP A 224 1.78 5.18 16.01
C ASP A 224 1.89 5.58 14.55
N LEU A 225 3.03 5.34 13.91
CA LEU A 225 3.16 5.56 12.47
C LEU A 225 2.48 4.45 11.68
N ASN A 226 2.90 3.20 11.93
CA ASN A 226 2.29 2.07 11.25
C ASN A 226 0.80 1.95 11.58
N PHE A 227 0.40 2.42 12.77
CA PHE A 227 -1.01 2.51 13.09
C PHE A 227 -1.72 3.44 12.14
N LEU A 228 -1.14 4.61 11.87
CA LEU A 228 -1.77 5.57 10.99
C LEU A 228 -1.69 5.13 9.53
N ILE A 229 -0.66 4.35 9.18
CA ILE A 229 -0.57 3.82 7.82
C ILE A 229 -1.67 2.79 7.59
N GLY A 230 -1.97 1.96 8.59
CA GLY A 230 -3.04 0.99 8.45
C GLY A 230 -4.39 1.63 8.20
N ARG A 231 -4.66 2.74 8.89
CA ARG A 231 -5.92 3.45 8.66
C ARG A 231 -6.02 3.94 7.22
N VAL A 232 -4.92 4.45 6.67
CA VAL A 232 -4.93 4.92 5.29
C VAL A 232 -5.04 3.75 4.32
N MET A 233 -4.27 2.69 4.55
CA MET A 233 -4.34 1.51 3.69
C MET A 233 -5.75 0.92 3.66
N ALA A 234 -6.40 0.89 4.82
CA ALA A 234 -7.78 0.41 4.86
C ALA A 234 -8.72 1.34 4.10
N SER A 235 -8.50 2.65 4.20
CA SER A 235 -9.34 3.61 3.50
C SER A 235 -9.21 3.45 1.99
N ILE A 236 -8.01 3.13 1.52
CA ILE A 236 -7.80 2.98 0.09
C ILE A 236 -8.57 1.77 -0.46
N THR A 237 -8.75 0.73 0.35
CA THR A 237 -9.49 -0.45 -0.05
C THR A 237 -11.00 -0.32 0.15
N ALA A 238 -11.47 0.86 0.57
CA ALA A 238 -12.90 1.02 0.86
C ALA A 238 -13.75 0.80 -0.39
N SER A 239 -13.27 1.26 -1.55
CA SER A 239 -14.01 1.06 -2.79
C SER A 239 -14.12 -0.42 -3.15
N LEU A 240 -13.28 -1.27 -2.58
CA LEU A 240 -13.33 -2.70 -2.81
C LEU A 240 -14.24 -3.43 -1.85
N ARG A 241 -14.72 -2.78 -0.79
CA ARG A 241 -15.44 -3.43 0.29
C ARG A 241 -16.87 -2.95 0.48
N PHE A 242 -17.29 -1.88 -0.20
CA PHE A 242 -18.61 -1.32 0.02
C PHE A 242 -19.30 -1.02 -1.30
N PRO A 243 -20.62 -1.11 -1.35
CA PRO A 243 -21.34 -0.72 -2.56
C PRO A 243 -21.34 0.79 -2.75
N GLY A 244 -21.55 1.20 -4.00
CA GLY A 244 -21.58 2.60 -4.34
C GLY A 244 -21.12 2.85 -5.76
N PRO A 245 -21.16 4.11 -6.19
CA PRO A 245 -20.74 4.45 -7.56
C PRO A 245 -19.27 4.15 -7.82
N LEU A 246 -18.46 4.02 -6.78
CA LEU A 246 -17.03 3.74 -6.92
C LEU A 246 -16.66 2.32 -6.50
N ASN A 247 -17.63 1.40 -6.45
CA ASN A 247 -17.34 0.03 -6.11
C ASN A 247 -16.55 -0.63 -7.24
N MET A 248 -15.30 -0.97 -6.98
CA MET A 248 -14.41 -1.53 -7.97
C MET A 248 -13.85 -2.86 -7.48
N ASP A 249 -13.18 -3.57 -8.38
CA ASP A 249 -12.39 -4.73 -8.04
C ASP A 249 -10.91 -4.40 -8.26
N LEU A 250 -10.05 -5.40 -8.14
CA LEU A 250 -8.61 -5.16 -8.21
C LEU A 250 -8.19 -4.66 -9.59
N MET A 251 -8.75 -5.25 -10.65
CA MET A 251 -8.36 -4.83 -12.00
C MET A 251 -8.97 -3.49 -12.37
N GLU A 252 -10.22 -3.25 -11.97
CA GLU A 252 -10.84 -1.94 -12.23
C GLU A 252 -10.06 -0.83 -11.54
N MET A 253 -9.60 -1.08 -10.31
CA MET A 253 -8.77 -0.10 -9.62
C MET A 253 -7.47 0.16 -10.37
N ALA A 254 -6.95 -0.86 -11.06
CA ALA A 254 -5.70 -0.69 -11.80
C ALA A 254 -5.92 0.05 -13.12
N HIS A 255 -6.97 -0.31 -13.85
N HIS A 255 -6.99 -0.26 -13.86
CA HIS A 255 -7.25 0.34 -15.13
CA HIS A 255 -7.14 0.38 -15.16
C HIS A 255 -7.46 1.84 -14.94
C HIS A 255 -7.73 1.78 -15.07
N ASN A 256 -8.16 2.23 -13.89
CA ASN A 256 -8.53 3.62 -13.69
C ASN A 256 -7.34 4.52 -13.35
N LEU A 257 -6.13 3.96 -13.28
CA LEU A 257 -4.93 4.72 -12.93
C LEU A 257 -3.73 4.42 -13.81
N VAL A 258 -3.65 3.24 -14.41
CA VAL A 258 -2.46 2.82 -15.16
C VAL A 258 -2.75 3.11 -16.63
N ALA A 259 -2.43 4.33 -17.06
CA ALA A 259 -2.61 4.69 -18.46
C ALA A 259 -1.61 3.95 -19.35
N LEU A 260 -0.32 4.02 -18.99
CA LEU A 260 0.72 3.26 -19.66
C LEU A 260 1.22 2.15 -18.74
N PRO A 261 1.63 1.00 -19.29
CA PRO A 261 2.03 -0.13 -18.44
C PRO A 261 3.13 0.19 -17.44
N GLU A 262 3.94 1.21 -17.67
CA GLU A 262 5.03 1.54 -16.76
C GLU A 262 4.63 2.49 -15.66
N THR A 263 3.59 3.32 -15.86
CA THR A 263 3.16 4.29 -14.86
C THR A 263 2.19 3.61 -13.91
N LYS A 264 2.73 2.80 -13.00
CA LYS A 264 1.95 2.04 -12.05
C LYS A 264 2.20 2.44 -10.61
N PHE A 265 2.82 3.59 -10.36
CA PHE A 265 3.15 4.04 -9.03
C PHE A 265 2.20 5.17 -8.65
N ILE A 266 1.47 4.99 -7.54
CA ILE A 266 0.36 5.85 -7.17
C ILE A 266 0.69 6.58 -5.88
N ILE A 267 0.26 7.83 -5.78
CA ILE A 267 0.39 8.63 -4.58
C ILE A 267 -0.99 8.71 -3.92
N PRO A 268 -1.15 8.22 -2.70
CA PRO A 268 -2.44 8.33 -2.02
C PRO A 268 -2.49 9.55 -1.10
N SER A 269 -3.70 10.08 -0.88
CA SER A 269 -3.89 11.15 0.07
C SER A 269 -5.26 10.98 0.71
N VAL A 270 -5.35 11.35 1.99
CA VAL A 270 -6.58 11.18 2.76
C VAL A 270 -6.76 12.38 3.66
N ALA A 271 -8.02 12.71 3.95
CA ALA A 271 -8.36 13.82 4.82
C ALA A 271 -9.76 13.61 5.39
N PRO A 272 -9.97 13.80 6.70
CA PRO A 272 -8.95 14.22 7.66
C PRO A 272 -8.08 13.07 8.17
N LEU A 273 -7.08 13.39 8.99
CA LEU A 273 -6.18 12.39 9.55
C LEU A 273 -6.33 12.22 11.06
N THR A 274 -6.78 13.25 11.76
CA THR A 274 -6.98 13.22 13.20
C THR A 274 -8.34 13.82 13.51
N LYS A 275 -9.00 13.28 14.54
CA LYS A 275 -10.34 13.73 14.87
C LYS A 275 -10.37 15.19 15.33
N GLU A 276 -9.22 15.75 15.74
CA GLU A 276 -9.15 17.19 15.97
C GLU A 276 -9.36 17.96 14.68
N GLU A 277 -8.76 17.48 13.58
CA GLU A 277 -8.99 18.09 12.27
C GLU A 277 -10.35 17.73 11.71
N SER A 278 -10.94 16.62 12.14
CA SER A 278 -12.22 16.18 11.59
C SER A 278 -13.31 17.22 11.83
N GLU A 279 -13.46 17.66 13.08
CA GLU A 279 -14.43 18.72 13.37
C GLU A 279 -13.97 20.05 12.80
N MET A 280 -12.67 20.30 12.78
CA MET A 280 -12.08 21.54 12.28
C MET A 280 -12.09 21.64 10.76
N SER A 281 -12.74 20.75 10.02
CA SER A 281 -12.68 20.77 8.57
C SER A 281 -14.06 20.51 7.98
N THR A 282 -14.36 21.20 6.88
CA THR A 282 -15.58 20.98 6.12
C THR A 282 -15.31 19.95 5.03
N GLU A 283 -16.18 19.89 4.02
CA GLU A 283 -16.01 18.90 2.95
C GLU A 283 -14.88 19.29 2.01
N LEU A 284 -14.99 20.46 1.39
CA LEU A 284 -13.97 20.88 0.43
C LEU A 284 -12.64 21.19 1.09
N ASP A 285 -12.64 21.49 2.40
CA ASP A 285 -11.38 21.58 3.13
C ASP A 285 -10.59 20.28 3.01
N LEU A 286 -11.29 19.15 3.01
CA LEU A 286 -10.63 17.85 2.89
C LEU A 286 -10.28 17.54 1.44
N VAL A 287 -11.12 17.95 0.49
CA VAL A 287 -10.83 17.71 -0.91
C VAL A 287 -9.65 18.55 -1.37
N GLU A 288 -9.61 19.82 -0.96
CA GLU A 288 -8.47 20.67 -1.29
C GLU A 288 -7.19 20.15 -0.64
N ARG A 289 -7.29 19.56 0.55
CA ARG A 289 -6.12 19.01 1.20
C ARG A 289 -5.68 17.70 0.56
N CYS A 290 -6.60 16.96 -0.05
CA CYS A 290 -6.22 15.75 -0.76
C CYS A 290 -5.35 16.08 -1.98
N PHE A 291 -5.69 17.15 -2.69
CA PHE A 291 -4.87 17.61 -3.81
C PHE A 291 -3.72 18.49 -3.37
N ASP A 292 -3.63 18.82 -2.09
CA ASP A 292 -2.48 19.57 -1.58
C ASP A 292 -1.32 18.62 -1.36
N PRO A 293 -0.14 18.91 -1.94
CA PRO A 293 1.00 18.01 -1.76
C PRO A 293 1.47 17.85 -0.32
N THR A 294 0.99 18.68 0.61
CA THR A 294 1.34 18.50 2.01
C THR A 294 0.71 17.24 2.58
N HIS A 295 -0.48 16.87 2.11
CA HIS A 295 -1.18 15.69 2.59
C HIS A 295 -0.91 14.45 1.73
N TYR A 296 -0.02 14.55 0.76
CA TYR A 296 0.39 13.36 0.01
C TYR A 296 1.11 12.40 0.95
N MET A 297 0.91 11.10 0.72
CA MET A 297 1.60 10.10 1.52
C MET A 297 3.05 9.89 1.09
N VAL A 298 3.52 10.61 0.07
CA VAL A 298 4.92 10.65 -0.29
C VAL A 298 5.39 12.10 -0.20
N ASN A 299 6.67 12.28 0.09
CA ASN A 299 7.23 13.61 0.33
C ASN A 299 7.41 14.32 -0.99
N CYS A 300 6.50 15.24 -1.31
CA CYS A 300 6.53 16.01 -2.54
C CYS A 300 6.71 17.49 -2.22
N SER A 301 7.42 18.19 -3.11
CA SER A 301 7.61 19.63 -2.98
C SER A 301 6.60 20.44 -3.78
N GLY A 302 6.10 19.91 -4.89
CA GLY A 302 5.21 20.66 -5.74
C GLY A 302 3.90 19.97 -6.06
N GLN A 303 3.12 20.56 -6.97
CA GLN A 303 1.82 20.03 -7.33
C GLN A 303 1.95 18.79 -8.20
N GLY A 304 2.59 18.92 -9.35
CA GLY A 304 2.74 17.83 -10.28
C GLY A 304 1.55 17.69 -11.22
N LYS A 305 1.82 17.08 -12.37
CA LYS A 305 0.80 16.85 -13.39
C LYS A 305 0.07 15.54 -13.11
N THR A 306 -1.26 15.59 -13.17
CA THR A 306 -2.07 14.41 -12.90
C THR A 306 -2.31 13.64 -14.18
N ILE A 307 -1.90 12.36 -14.18
CA ILE A 307 -2.22 11.49 -15.31
C ILE A 307 -3.63 10.92 -15.16
N SER A 308 -3.93 10.38 -13.98
CA SER A 308 -5.24 9.83 -13.68
C SER A 308 -5.41 9.79 -12.17
N SER A 309 -6.61 10.09 -11.69
CA SER A 309 -6.87 10.14 -10.25
C SER A 309 -8.26 9.62 -9.95
N VAL A 310 -8.42 9.07 -8.75
CA VAL A 310 -9.69 8.56 -8.26
C VAL A 310 -9.91 9.12 -6.86
N LEU A 311 -10.95 9.93 -6.71
CA LEU A 311 -11.32 10.54 -5.44
C LEU A 311 -12.55 9.84 -4.88
N MET A 312 -12.65 9.78 -3.55
CA MET A 312 -13.79 9.14 -2.91
C MET A 312 -14.18 9.89 -1.65
N PHE A 313 -15.48 10.16 -1.51
CA PHE A 313 -16.05 10.72 -0.28
C PHE A 313 -16.66 9.59 0.53
N ARG A 314 -16.53 9.68 1.86
CA ARG A 314 -17.10 8.71 2.77
C ARG A 314 -17.84 9.44 3.89
N GLY A 315 -18.97 8.86 4.31
CA GLY A 315 -19.78 9.46 5.35
C GLY A 315 -20.97 10.22 4.79
N ASN A 316 -21.46 11.21 5.53
CA ASN A 316 -22.53 12.07 5.03
C ASN A 316 -21.89 13.32 4.41
N ILE A 317 -22.05 13.47 3.10
CA ILE A 317 -21.41 14.55 2.36
C ILE A 317 -22.48 15.39 1.65
N ALA A 318 -23.28 14.73 0.82
CA ALA A 318 -24.32 15.39 0.04
C ALA A 318 -23.76 16.53 -0.81
N PHE A 323 -21.36 17.52 -7.69
CA PHE A 323 -21.13 18.41 -8.83
C PHE A 323 -20.40 19.68 -8.40
N SER A 324 -20.93 20.37 -7.39
CA SER A 324 -20.32 21.59 -6.91
C SER A 324 -18.90 21.36 -6.41
N ILE A 325 -18.60 20.14 -5.96
CA ILE A 325 -17.26 19.82 -5.49
C ILE A 325 -16.29 19.71 -6.66
N MET A 326 -16.74 19.16 -7.78
CA MET A 326 -15.85 18.82 -8.88
C MET A 326 -15.43 20.04 -9.68
N THR A 327 -16.38 20.91 -10.02
CA THR A 327 -16.13 21.97 -11.00
C THR A 327 -15.00 22.88 -10.56
N ASP A 328 -15.06 23.37 -9.31
CA ASP A 328 -14.02 24.30 -8.86
C ASP A 328 -12.69 23.60 -8.61
N ILE A 329 -12.73 22.30 -8.27
CA ILE A 329 -11.49 21.59 -7.98
C ILE A 329 -10.77 21.18 -9.27
N LYS A 330 -11.50 20.55 -10.20
CA LYS A 330 -10.90 20.10 -11.45
C LYS A 330 -10.24 21.24 -12.20
N SER A 331 -10.76 22.47 -12.06
CA SER A 331 -10.15 23.62 -12.70
C SER A 331 -8.75 23.87 -12.15
N ASN A 332 -8.61 23.90 -10.82
CA ASN A 332 -7.34 24.24 -10.19
C ASN A 332 -6.32 23.11 -10.22
N VAL A 333 -6.70 21.93 -10.67
CA VAL A 333 -5.79 20.78 -10.68
C VAL A 333 -5.03 20.77 -12.00
N ALA A 334 -3.71 20.66 -11.92
CA ALA A 334 -2.86 20.60 -13.10
C ALA A 334 -2.81 19.17 -13.62
N PHE A 335 -3.33 18.96 -14.83
CA PHE A 335 -3.37 17.65 -15.45
C PHE A 335 -2.25 17.52 -16.49
N ALA A 336 -1.89 16.27 -16.78
CA ALA A 336 -0.85 16.00 -17.76
C ALA A 336 -1.28 16.49 -19.14
N PRO A 337 -0.33 16.95 -19.96
CA PRO A 337 -0.68 17.40 -21.31
C PRO A 337 -1.25 16.26 -22.14
N GLY A 338 -2.41 16.50 -22.74
CA GLY A 338 -3.04 15.52 -23.62
C GLY A 338 -4.19 14.76 -22.99
N VAL A 339 -4.46 14.94 -21.70
CA VAL A 339 -5.62 14.32 -21.08
C VAL A 339 -6.81 15.24 -21.28
N HIS A 340 -7.99 14.66 -21.35
CA HIS A 340 -9.17 15.43 -21.68
C HIS A 340 -9.60 16.29 -20.50
N PRO A 341 -10.11 17.50 -20.75
CA PRO A 341 -10.59 18.34 -19.63
C PRO A 341 -11.77 17.74 -18.91
N ASP A 342 -12.57 16.91 -19.57
CA ASP A 342 -13.66 16.19 -18.93
C ASP A 342 -13.23 14.85 -18.34
N LEU A 343 -11.93 14.53 -18.39
CA LEU A 343 -11.42 13.25 -17.95
C LEU A 343 -10.28 13.47 -16.97
N GLY A 344 -9.64 12.37 -16.55
CA GLY A 344 -8.51 12.43 -15.65
C GLY A 344 -8.87 12.44 -14.17
N LEU A 345 -10.15 12.56 -13.82
CA LEU A 345 -10.55 12.61 -12.42
C LEU A 345 -11.91 11.96 -12.27
N LYS A 346 -11.98 10.99 -11.36
N LYS A 346 -11.98 10.97 -11.37
CA LYS A 346 -13.22 10.28 -11.04
CA LYS A 346 -13.24 10.31 -11.05
C LYS A 346 -13.47 10.38 -9.54
C LYS A 346 -13.48 10.42 -9.55
N TYR A 347 -14.73 10.67 -9.16
CA TYR A 347 -15.09 10.81 -7.77
C TYR A 347 -16.47 10.22 -7.53
N GLY A 348 -16.74 9.93 -6.27
CA GLY A 348 -18.02 9.37 -5.86
C GLY A 348 -18.13 9.33 -4.36
N ILE A 349 -19.35 9.12 -3.88
CA ILE A 349 -19.67 9.13 -2.46
C ILE A 349 -19.88 7.70 -2.01
N CYS A 350 -19.25 7.33 -0.90
CA CYS A 350 -19.45 6.04 -0.25
C CYS A 350 -20.21 6.25 1.04
N GLU A 351 -21.30 5.50 1.22
CA GLU A 351 -22.15 5.69 2.38
C GLU A 351 -21.46 5.24 3.67
N SER A 352 -20.57 4.27 3.59
CA SER A 352 -19.83 3.83 4.76
C SER A 352 -18.82 4.88 5.18
N ALA A 353 -18.62 5.01 6.49
CA ALA A 353 -17.70 5.98 7.04
C ALA A 353 -16.72 5.29 7.98
N PRO A 354 -15.53 5.85 8.17
CA PRO A 354 -14.63 5.32 9.19
C PRO A 354 -15.23 5.45 10.57
N VAL A 355 -14.85 4.54 11.46
CA VAL A 355 -15.43 4.51 12.79
C VAL A 355 -15.03 5.73 13.62
N ASP A 356 -13.91 6.38 13.28
CA ASP A 356 -13.43 7.51 14.06
C ASP A 356 -13.85 8.87 13.51
N PHE A 357 -14.31 8.94 12.26
CA PHE A 357 -14.63 10.20 11.63
C PHE A 357 -16.01 10.13 10.98
N ASP A 358 -16.75 11.23 11.07
CA ASP A 358 -18.07 11.29 10.44
C ASP A 358 -17.96 11.37 8.93
N LYS A 359 -16.91 11.99 8.41
CA LYS A 359 -16.69 12.05 6.97
C LYS A 359 -15.20 11.89 6.67
N GLU A 360 -14.91 11.51 5.43
CA GLU A 360 -13.54 11.20 5.02
C GLU A 360 -13.44 11.31 3.51
N VAL A 361 -12.31 11.82 3.03
CA VAL A 361 -12.03 11.94 1.60
C VAL A 361 -10.69 11.27 1.32
N THR A 362 -10.67 10.40 0.32
CA THR A 362 -9.45 9.71 -0.10
C THR A 362 -9.19 9.99 -1.58
N LEU A 363 -7.91 10.01 -1.94
CA LEU A 363 -7.50 10.28 -3.31
C LEU A 363 -6.35 9.37 -3.70
N LEU A 364 -6.51 8.65 -4.80
CA LEU A 364 -5.44 7.91 -5.44
C LEU A 364 -5.07 8.64 -6.72
N SER A 365 -3.82 9.06 -6.84
CA SER A 365 -3.37 9.88 -7.96
C SER A 365 -2.15 9.27 -8.61
N ASN A 366 -2.23 9.05 -9.92
CA ASN A 366 -1.06 8.71 -10.73
C ASN A 366 -0.49 10.03 -11.24
N ASN A 367 0.47 10.57 -10.50
CA ASN A 367 0.98 11.91 -10.73
C ASN A 367 2.44 11.85 -11.18
N THR A 368 2.81 12.79 -12.07
CA THR A 368 4.17 12.84 -12.58
C THR A 368 5.17 13.29 -11.52
N ILE A 369 4.71 13.93 -10.44
CA ILE A 369 5.59 14.37 -9.38
C ILE A 369 6.30 13.21 -8.70
N ILE A 370 5.87 11.98 -8.94
CA ILE A 370 6.55 10.82 -8.40
C ILE A 370 7.96 10.69 -8.98
N SER A 371 8.20 11.27 -10.16
CA SER A 371 9.55 11.28 -10.71
C SER A 371 10.50 12.09 -9.85
N GLU A 372 9.98 13.17 -9.25
CA GLU A 372 10.79 13.95 -8.30
C GLU A 372 11.09 13.15 -7.05
N VAL A 373 10.11 12.38 -6.56
CA VAL A 373 10.34 11.51 -5.41
C VAL A 373 11.38 10.44 -5.76
N PHE A 374 11.24 9.83 -6.93
CA PHE A 374 12.18 8.79 -7.34
C PHE A 374 13.56 9.37 -7.62
N ASN A 375 13.64 10.64 -8.03
CA ASN A 375 14.95 11.25 -8.30
C ASN A 375 15.78 11.37 -7.03
N ARG A 376 15.16 11.79 -5.92
CA ARG A 376 15.89 11.88 -4.66
C ARG A 376 16.39 10.51 -4.23
N VAL A 377 15.59 9.46 -4.45
CA VAL A 377 16.03 8.11 -4.16
C VAL A 377 17.23 7.73 -5.01
N LEU A 378 17.24 8.17 -6.27
CA LEU A 378 18.35 7.87 -7.17
C LEU A 378 19.62 8.61 -6.76
N GLU A 379 19.48 9.85 -6.30
CA GLU A 379 20.64 10.62 -5.87
C GLU A 379 21.30 9.97 -4.66
N ARG A 380 20.51 9.60 -3.66
CA ARG A 380 21.05 8.90 -2.50
C ARG A 380 21.65 7.56 -2.91
N PHE A 381 21.04 6.88 -3.88
CA PHE A 381 21.61 5.64 -4.41
C PHE A 381 22.98 5.91 -5.04
N ASP A 382 23.07 6.94 -5.89
CA ASP A 382 24.32 7.21 -6.59
C ASP A 382 25.39 7.76 -5.67
N SER A 383 25.01 8.55 -4.66
CA SER A 383 25.99 9.10 -3.73
C SER A 383 26.72 8.01 -2.97
N LEU A 384 26.14 6.82 -2.84
CA LEU A 384 26.78 5.68 -2.21
C LEU A 384 27.36 4.70 -3.22
N PHE A 385 26.67 4.48 -4.34
CA PHE A 385 27.13 3.48 -5.30
C PHE A 385 28.35 3.96 -6.07
N ASN A 386 28.43 5.26 -6.37
CA ASN A 386 29.57 5.79 -7.11
C ASN A 386 30.87 5.73 -6.30
N ARG A 387 30.78 5.56 -4.99
CA ARG A 387 31.95 5.41 -4.13
C ARG A 387 32.10 4.00 -3.59
N ASP A 388 31.30 3.05 -4.09
CA ASP A 388 31.36 1.64 -3.69
C ASP A 388 31.14 1.47 -2.19
N TRP A 389 30.29 2.31 -1.62
CA TRP A 389 30.01 2.28 -0.18
C TRP A 389 28.87 1.33 0.13
N TYR A 390 29.03 0.55 1.20
CA TYR A 390 27.99 -0.32 1.76
C TYR A 390 27.55 -1.40 0.77
N THR A 391 28.39 -1.75 -0.19
CA THR A 391 28.03 -2.74 -1.21
C THR A 391 28.51 -4.15 -0.89
N SER A 392 29.34 -4.31 0.14
CA SER A 392 30.03 -5.58 0.35
C SER A 392 29.08 -6.72 0.68
N ASP A 393 27.97 -6.43 1.37
CA ASP A 393 27.06 -7.49 1.78
C ASP A 393 25.96 -7.77 0.77
N TYR A 394 25.81 -6.93 -0.26
CA TYR A 394 24.92 -7.29 -1.35
C TYR A 394 25.57 -8.30 -2.30
N VAL A 395 26.89 -8.16 -2.52
CA VAL A 395 27.57 -9.08 -3.41
C VAL A 395 27.79 -10.43 -2.75
N ASN A 396 27.94 -10.46 -1.42
CA ASN A 396 28.07 -11.73 -0.71
C ASN A 396 26.76 -12.50 -0.66
N ALA A 397 25.64 -11.84 -0.95
CA ALA A 397 24.33 -12.45 -0.90
C ALA A 397 23.74 -12.74 -2.28
N GLY A 398 24.51 -12.51 -3.34
CA GLY A 398 24.08 -12.87 -4.68
C GLY A 398 23.67 -11.73 -5.58
N THR A 399 23.83 -10.48 -5.14
CA THR A 399 23.53 -9.30 -5.95
C THR A 399 24.85 -8.61 -6.28
N SER A 400 25.35 -8.85 -7.49
CA SER A 400 26.63 -8.27 -7.90
C SER A 400 26.51 -6.76 -8.02
N LYS A 401 27.67 -6.11 -8.08
CA LYS A 401 27.70 -4.67 -8.34
C LYS A 401 27.07 -4.34 -9.69
N SER A 402 27.15 -5.27 -10.64
CA SER A 402 26.50 -5.07 -11.93
C SER A 402 24.98 -5.15 -11.81
N ASN A 403 24.47 -5.97 -10.88
CA ASN A 403 23.02 -6.04 -10.69
C ASN A 403 22.48 -4.76 -10.08
N LEU A 404 23.22 -4.17 -9.13
CA LEU A 404 22.80 -2.90 -8.55
C LEU A 404 22.74 -1.80 -9.59
N LYS A 405 23.65 -1.84 -10.57
CA LYS A 405 23.64 -0.83 -11.63
C LYS A 405 22.47 -1.05 -12.58
N GLU A 406 22.26 -2.29 -13.01
CA GLU A 406 21.17 -2.58 -13.94
C GLU A 406 19.82 -2.21 -13.34
N ALA A 407 19.61 -2.51 -12.07
CA ALA A 407 18.39 -2.08 -11.40
C ALA A 407 18.30 -0.57 -11.33
N ARG A 408 19.43 0.09 -11.12
CA ARG A 408 19.44 1.55 -11.06
C ARG A 408 19.06 2.16 -12.40
N ASP A 409 19.67 1.68 -13.48
CA ASP A 409 19.38 2.21 -14.82
C ASP A 409 17.93 1.93 -15.22
N ASN A 410 17.42 0.75 -14.88
CA ASN A 410 16.02 0.46 -15.13
C ASN A 410 15.11 1.35 -14.30
N PHE A 411 15.54 1.68 -13.08
CA PHE A 411 14.79 2.62 -12.25
C PHE A 411 14.79 4.01 -12.86
N ASP A 412 15.92 4.41 -13.48
CA ASP A 412 16.00 5.73 -14.11
C ASP A 412 15.14 5.80 -15.37
N ARG A 413 14.99 4.68 -16.08
CA ARG A 413 14.10 4.66 -17.24
C ARG A 413 12.66 4.96 -16.84
N ILE A 414 12.26 4.51 -15.65
CA ILE A 414 10.90 4.79 -15.17
C ILE A 414 10.74 6.28 -14.89
N ILE A 415 11.75 6.89 -14.26
CA ILE A 415 11.69 8.32 -13.98
C ILE A 415 11.55 9.12 -15.27
N LYS A 416 12.22 8.68 -16.33
CA LYS A 416 12.16 9.40 -17.60
C LYS A 416 10.80 9.25 -18.28
N ILE A 417 10.15 8.10 -18.12
CA ILE A 417 8.82 7.91 -18.69
C ILE A 417 7.83 8.87 -18.06
N TYR A 418 7.81 8.94 -16.72
CA TYR A 418 6.98 9.92 -16.05
C TYR A 418 7.38 11.34 -16.43
N LYS A 419 8.67 11.58 -16.67
CA LYS A 419 9.12 12.91 -17.06
C LYS A 419 8.64 13.27 -18.45
N GLU A 420 8.54 12.30 -19.36
CA GLU A 420 8.06 12.57 -20.70
C GLU A 420 6.57 12.88 -20.70
N ILE A 421 5.78 12.13 -19.92
CA ILE A 421 4.35 12.38 -19.83
C ILE A 421 4.07 13.77 -19.27
N GLU A 422 4.93 14.25 -18.37
CA GLU A 422 4.75 15.59 -17.81
C GLU A 422 4.98 16.66 -18.87
N GLY A 423 5.86 16.41 -19.83
CA GLY A 423 6.11 17.38 -20.88
C GLY A 423 7.59 17.48 -21.26
PB GDP B . 12.39 -6.09 7.19
O1B GDP B . 13.61 -6.49 6.41
O2B GDP B . 12.02 -7.23 8.12
O3B GDP B . 11.26 -5.80 6.24
O3A GDP B . 12.77 -4.80 8.08
PA GDP B . 11.81 -3.50 8.22
O1A GDP B . 10.39 -3.79 7.80
O2A GDP B . 11.83 -3.01 9.65
O5' GDP B . 12.50 -2.42 7.26
C5' GDP B . 13.02 -1.22 7.81
C4' GDP B . 12.47 -0.03 7.03
O4' GDP B . 11.05 -0.14 7.02
C3' GDP B . 12.85 1.27 7.71
O3' GDP B . 13.53 2.10 6.77
C2' GDP B . 11.54 1.91 8.15
O2' GDP B . 11.43 3.21 7.56
C1' GDP B . 10.44 1.00 7.64
N9 GDP B . 9.59 0.50 8.75
C8 GDP B . 9.89 -0.54 9.56
N7 GDP B . 8.90 -0.74 10.47
C5 GDP B . 7.94 0.17 10.24
C6 GDP B . 6.63 0.50 10.84
O6 GDP B . 6.17 -0.15 11.80
N1 GDP B . 5.94 1.52 10.31
C2 GDP B . 6.41 2.24 9.26
N2 GDP B . 5.65 3.26 8.79
N3 GDP B . 7.60 1.98 8.67
C4 GDP B . 8.39 0.99 9.11
MG MG C . 14.64 -5.07 11.48
#